data_9HQL
#
_entry.id   9HQL
#
_cell.length_a   37.900
_cell.length_b   43.920
_cell.length_c   55.730
_cell.angle_alpha   90.000
_cell.angle_beta   94.050
_cell.angle_gamma   90.000
#
_symmetry.space_group_name_H-M   'P 1 21 1'
#
loop_
_entity.id
_entity.type
_entity.pdbx_description
1 polymer 'Heterogeneous nuclear ribonucleoprotein A1, N-terminally processed'
2 non-polymer "N-(6-methoxypyridin-3-yl)-N'-thiophen-2-ylurea"
3 water water
#
_entity_poly.entity_id   1
_entity_poly.type   'polypeptide(L)'
_entity_poly.pdbx_seq_one_letter_code
;GPMGSKSESPKEPEQLRKLFIGGLSFETTDESLRSHFEQWGTLTDCVVMRDPNTKRSRGFGFVTYATVEEVDAAMNARPH
KVDGRVVEPKRAVSREDSQRPGAHLTVKKIFVGGIKEDTEEHHLRDYFEQYGKIEVIEIMTDRGSGKKRGFAFVTFDDHD
SVDKIVIQKYHTVNGHNCEVRKALSKQEMASASSSQRG
;
_entity_poly.pdbx_strand_id   A
#
# COMPACT_ATOMS: atom_id res chain seq x y z
N LYS A 11 -13.91 -2.75 15.27
CA LYS A 11 -12.89 -3.45 14.49
C LYS A 11 -12.83 -2.88 13.08
N GLU A 12 -11.61 -2.76 12.54
CA GLU A 12 -11.48 -2.22 11.19
C GLU A 12 -12.13 -3.16 10.18
N PRO A 13 -12.73 -2.62 9.12
CA PRO A 13 -13.28 -3.45 8.05
C PRO A 13 -12.31 -4.54 7.60
N GLU A 14 -12.82 -5.75 7.43
CA GLU A 14 -11.98 -6.88 7.08
C GLU A 14 -11.21 -6.66 5.79
N GLN A 15 -11.81 -5.93 4.83
CA GLN A 15 -11.13 -5.70 3.56
C GLN A 15 -9.80 -4.99 3.76
N LEU A 16 -9.74 -4.10 4.75
CA LEU A 16 -8.53 -3.33 5.02
C LEU A 16 -7.52 -4.11 5.84
N ARG A 17 -7.85 -5.33 6.26
CA ARG A 17 -6.97 -6.16 7.06
C ARG A 17 -6.42 -7.33 6.26
N LYS A 18 -6.69 -7.37 4.97
CA LYS A 18 -6.35 -8.49 4.10
C LYS A 18 -5.08 -8.18 3.31
N LEU A 19 -4.19 -9.16 3.18
CA LEU A 19 -3.11 -9.07 2.20
C LEU A 19 -3.29 -10.19 1.18
N PHE A 20 -3.27 -9.82 -0.08
CA PHE A 20 -3.22 -10.82 -1.12
C PHE A 20 -1.74 -11.12 -1.36
N ILE A 21 -1.41 -12.41 -1.39
CA ILE A 21 -0.03 -12.85 -1.50
C ILE A 21 0.13 -13.53 -2.86
N GLY A 22 0.85 -12.89 -3.76
CA GLY A 22 1.17 -13.48 -5.05
C GLY A 22 2.54 -14.15 -5.04
N GLY A 23 2.77 -14.93 -6.09
CA GLY A 23 4.08 -15.54 -6.27
C GLY A 23 4.39 -16.66 -5.32
N LEU A 24 3.38 -17.32 -4.76
CA LEU A 24 3.63 -18.40 -3.83
C LEU A 24 4.35 -19.57 -4.50
N SER A 25 5.18 -20.26 -3.72
CA SER A 25 5.57 -21.60 -4.10
C SER A 25 4.33 -22.48 -4.19
N PHE A 26 4.30 -23.36 -5.20
CA PHE A 26 3.19 -24.31 -5.29
C PHE A 26 3.15 -25.25 -4.09
N GLU A 27 4.23 -25.36 -3.31
CA GLU A 27 4.21 -26.22 -2.13
C GLU A 27 3.72 -25.51 -0.87
N THR A 28 3.54 -24.18 -0.91
CA THR A 28 2.97 -23.49 0.23
C THR A 28 1.53 -23.93 0.47
N THR A 29 1.19 -24.14 1.75
CA THR A 29 -0.11 -24.58 2.20
C THR A 29 -0.74 -23.52 3.10
N ASP A 30 -2.04 -23.71 3.40
CA ASP A 30 -2.68 -22.85 4.40
C ASP A 30 -1.83 -22.80 5.66
N GLU A 31 -1.30 -23.96 6.07
CA GLU A 31 -0.57 -24.05 7.33
C GLU A 31 0.76 -23.33 7.25
N SER A 32 1.52 -23.52 6.16
CA SER A 32 2.84 -22.91 6.08
C SER A 32 2.74 -21.41 5.80
N LEU A 33 1.73 -20.99 5.05
CA LEU A 33 1.52 -19.56 4.87
C LEU A 33 1.17 -18.92 6.20
N ARG A 34 0.33 -19.58 7.00
CA ARG A 34 -0.03 -19.06 8.31
C ARG A 34 1.17 -18.99 9.25
N SER A 35 1.96 -20.07 9.31
CA SER A 35 3.12 -20.05 10.21
C SER A 35 4.07 -18.91 9.85
N HIS A 36 4.24 -18.65 8.56
CA HIS A 36 5.10 -17.53 8.17
C HIS A 36 4.49 -16.21 8.63
N PHE A 37 3.25 -15.93 8.23
CA PHE A 37 2.75 -14.57 8.42
C PHE A 37 2.26 -14.30 9.84
N GLU A 38 2.09 -15.34 10.66
CA GLU A 38 1.77 -15.11 12.06
C GLU A 38 2.90 -14.42 12.81
N GLN A 39 4.10 -14.34 12.23
CA GLN A 39 5.17 -13.61 12.88
C GLN A 39 4.85 -12.14 13.08
N TRP A 40 3.94 -11.58 12.28
CA TRP A 40 3.70 -10.14 12.35
C TRP A 40 2.31 -9.78 12.85
N GLY A 41 1.52 -10.74 13.31
CA GLY A 41 0.25 -10.42 13.92
C GLY A 41 -0.65 -11.63 13.99
N THR A 42 -1.79 -11.42 14.64
CA THR A 42 -2.82 -12.45 14.75
C THR A 42 -3.55 -12.61 13.41
N LEU A 43 -3.59 -13.84 12.90
CA LEU A 43 -4.25 -14.11 11.62
C LEU A 43 -5.65 -14.66 11.88
N THR A 44 -6.67 -13.94 11.39
CA THR A 44 -8.05 -14.43 11.45
C THR A 44 -8.41 -15.30 10.26
N ASP A 45 -7.62 -15.26 9.20
CA ASP A 45 -7.87 -16.02 7.98
C ASP A 45 -6.55 -16.21 7.25
N CYS A 46 -6.44 -17.34 6.57
CA CYS A 46 -5.22 -17.65 5.81
C CYS A 46 -5.54 -18.79 4.85
N VAL A 47 -5.48 -18.51 3.54
CA VAL A 47 -5.98 -19.41 2.50
C VAL A 47 -5.00 -19.42 1.34
N VAL A 48 -4.61 -20.62 0.89
CA VAL A 48 -3.94 -20.80 -0.40
C VAL A 48 -5.01 -21.14 -1.42
N MET A 49 -5.06 -20.40 -2.53
CA MET A 49 -6.01 -20.72 -3.58
C MET A 49 -5.54 -21.91 -4.40
N ARG A 50 -6.46 -22.84 -4.63
CA ARG A 50 -6.17 -24.08 -5.31
C ARG A 50 -7.20 -24.35 -6.40
N ASP A 51 -6.77 -25.14 -7.37
CA ASP A 51 -7.68 -25.61 -8.40
C ASP A 51 -8.74 -26.49 -7.74
N PRO A 52 -10.02 -26.31 -8.08
CA PRO A 52 -11.06 -27.13 -7.43
C PRO A 52 -11.02 -28.59 -7.82
N ASN A 53 -10.38 -28.97 -8.92
CA ASN A 53 -10.33 -30.38 -9.33
C ASN A 53 -9.01 -31.06 -8.96
N THR A 54 -7.88 -30.43 -9.28
CA THR A 54 -6.58 -31.05 -9.07
C THR A 54 -6.00 -30.79 -7.68
N LYS A 55 -6.53 -29.79 -6.97
CA LYS A 55 -5.99 -29.29 -5.71
C LYS A 55 -4.59 -28.70 -5.87
N ARG A 56 -4.09 -28.57 -7.10
CA ARG A 56 -2.80 -27.92 -7.29
C ARG A 56 -2.92 -26.44 -6.98
N SER A 57 -1.93 -25.91 -6.24
CA SER A 57 -1.89 -24.50 -5.92
C SER A 57 -2.00 -23.64 -7.16
N ARG A 58 -2.70 -22.52 -7.02
CA ARG A 58 -2.74 -21.51 -8.07
C ARG A 58 -1.66 -20.45 -7.88
N GLY A 59 -0.80 -20.63 -6.89
CA GLY A 59 0.34 -19.73 -6.74
C GLY A 59 0.04 -18.43 -6.05
N PHE A 60 -1.13 -18.29 -5.44
CA PHE A 60 -1.44 -17.11 -4.67
C PHE A 60 -2.43 -17.48 -3.59
N GLY A 61 -2.60 -16.55 -2.65
CA GLY A 61 -3.47 -16.75 -1.52
C GLY A 61 -3.66 -15.43 -0.82
N PHE A 62 -4.22 -15.50 0.38
CA PHE A 62 -4.42 -14.27 1.14
C PHE A 62 -4.37 -14.58 2.61
N VAL A 63 -3.99 -13.57 3.39
CA VAL A 63 -4.04 -13.64 4.84
C VAL A 63 -4.86 -12.46 5.31
N THR A 64 -5.53 -12.62 6.44
CA THR A 64 -6.29 -11.55 7.08
C THR A 64 -5.81 -11.41 8.51
N TYR A 65 -5.30 -10.22 8.84
CA TYR A 65 -4.86 -9.89 10.19
C TYR A 65 -6.01 -9.36 11.04
N ALA A 66 -5.81 -9.42 12.35
CA ALA A 66 -6.79 -8.86 13.29
C ALA A 66 -6.85 -7.33 13.21
N THR A 67 -5.76 -6.64 12.86
CA THR A 67 -5.76 -5.18 12.84
C THR A 67 -4.98 -4.65 11.66
N VAL A 68 -5.22 -3.37 11.34
CA VAL A 68 -4.49 -2.73 10.25
C VAL A 68 -3.02 -2.57 10.62
N GLU A 69 -2.72 -2.27 11.89
CA GLU A 69 -1.32 -2.16 12.28
C GLU A 69 -0.56 -3.46 12.04
N GLU A 70 -1.24 -4.61 12.14
CA GLU A 70 -0.57 -5.86 11.82
C GLU A 70 -0.27 -5.97 10.32
N VAL A 71 -1.22 -5.54 9.48
CA VAL A 71 -0.96 -5.48 8.04
C VAL A 71 0.28 -4.63 7.79
N ASP A 72 0.32 -3.42 8.37
CA ASP A 72 1.49 -2.54 8.26
C ASP A 72 2.76 -3.27 8.64
N ALA A 73 2.75 -3.95 9.79
CA ALA A 73 3.93 -4.65 10.26
C ALA A 73 4.39 -5.68 9.24
N ALA A 74 3.42 -6.43 8.68
CA ALA A 74 3.75 -7.42 7.67
C ALA A 74 4.36 -6.77 6.43
N MET A 75 3.75 -5.68 5.95
CA MET A 75 4.34 -5.08 4.76
C MET A 75 5.69 -4.45 5.05
N ASN A 76 5.89 -3.96 6.28
CA ASN A 76 7.20 -3.37 6.60
C ASN A 76 8.28 -4.44 6.71
N ALA A 77 7.90 -5.71 6.84
CA ALA A 77 8.86 -6.80 6.93
C ALA A 77 9.18 -7.43 5.57
N ARG A 78 8.64 -6.89 4.48
CA ARG A 78 9.05 -7.30 3.17
C ARG A 78 10.54 -7.05 2.99
N PRO A 79 11.23 -7.83 2.13
CA PRO A 79 10.71 -8.93 1.30
C PRO A 79 10.41 -10.17 2.13
N HIS A 80 9.32 -10.84 1.81
CA HIS A 80 8.96 -12.07 2.48
C HIS A 80 9.37 -13.25 1.61
N LYS A 81 10.22 -14.11 2.17
CA LYS A 81 10.55 -15.38 1.55
C LYS A 81 9.74 -16.44 2.26
N VAL A 82 8.85 -17.10 1.52
CA VAL A 82 7.91 -18.05 2.10
C VAL A 82 8.16 -19.39 1.44
N ASP A 83 8.48 -20.39 2.24
CA ASP A 83 8.83 -21.71 1.72
C ASP A 83 9.83 -21.60 0.57
N GLY A 84 10.82 -20.70 0.73
CA GLY A 84 11.93 -20.59 -0.20
C GLY A 84 11.71 -19.68 -1.40
N ARG A 85 10.58 -19.00 -1.50
CA ARG A 85 10.28 -18.17 -2.65
C ARG A 85 9.90 -16.78 -2.17
N VAL A 86 10.42 -15.74 -2.81
CA VAL A 86 10.03 -14.38 -2.44
C VAL A 86 8.64 -14.12 -3.00
N VAL A 87 7.72 -13.72 -2.13
CA VAL A 87 6.33 -13.57 -2.52
C VAL A 87 6.02 -12.08 -2.70
N GLU A 88 4.81 -11.77 -3.13
CA GLU A 88 4.42 -10.39 -3.43
C GLU A 88 3.13 -10.06 -2.69
N PRO A 89 3.22 -9.53 -1.47
CA PRO A 89 2.02 -9.16 -0.71
C PRO A 89 1.52 -7.79 -1.16
N LYS A 90 0.20 -7.67 -1.27
CA LYS A 90 -0.41 -6.37 -1.59
C LYS A 90 -1.72 -6.25 -0.84
N ARG A 91 -2.04 -5.04 -0.40
CA ARG A 91 -3.34 -4.80 0.19
C ARG A 91 -4.43 -4.99 -0.88
N ALA A 92 -5.62 -5.36 -0.41
CA ALA A 92 -6.80 -5.36 -1.26
C ALA A 92 -7.16 -3.93 -1.68
N VAL A 93 -7.78 -3.81 -2.85
CA VAL A 93 -8.24 -2.49 -3.32
C VAL A 93 -9.68 -2.25 -2.85
N LEU A 105 -4.26 -1.98 -9.61
CA LEU A 105 -3.62 -0.74 -10.06
C LEU A 105 -2.44 -0.41 -9.14
N THR A 106 -1.29 -1.04 -9.39
CA THR A 106 -0.14 -0.98 -8.48
C THR A 106 0.83 0.10 -8.96
N VAL A 107 0.74 1.29 -8.37
CA VAL A 107 1.56 2.42 -8.79
C VAL A 107 2.28 3.00 -7.58
N LYS A 108 3.28 3.84 -7.87
CA LYS A 108 4.11 4.47 -6.85
C LYS A 108 3.93 5.97 -6.77
N LYS A 109 2.99 6.53 -7.52
CA LYS A 109 2.81 7.97 -7.66
C LYS A 109 1.38 8.35 -7.31
N ILE A 110 1.22 9.50 -6.66
CA ILE A 110 -0.10 10.03 -6.34
C ILE A 110 -0.25 11.45 -6.85
N PHE A 111 -1.49 11.79 -7.19
CA PHE A 111 -1.94 13.15 -7.41
C PHE A 111 -2.46 13.69 -6.07
N VAL A 112 -2.04 14.90 -5.71
CA VAL A 112 -2.47 15.56 -4.49
C VAL A 112 -3.08 16.89 -4.91
N GLY A 113 -4.41 17.00 -4.82
CA GLY A 113 -5.09 18.20 -5.24
C GLY A 113 -5.64 19.03 -4.09
N GLY A 114 -5.94 20.29 -4.36
CA GLY A 114 -6.51 21.16 -3.35
C GLY A 114 -5.53 21.81 -2.41
N ILE A 115 -4.25 21.88 -2.76
CA ILE A 115 -3.24 22.43 -1.86
C ILE A 115 -3.08 23.94 -2.02
N LYS A 116 -3.73 24.53 -3.03
CA LYS A 116 -3.72 25.97 -3.26
C LYS A 116 -2.30 26.48 -3.50
N GLU A 117 -2.10 27.80 -3.36
CA GLU A 117 -0.81 28.41 -3.68
C GLU A 117 0.12 28.50 -2.48
N ASP A 118 -0.35 28.25 -1.27
CA ASP A 118 0.50 28.43 -0.10
C ASP A 118 1.23 27.16 0.35
N THR A 119 0.94 26.02 -0.27
CA THR A 119 1.53 24.76 0.17
C THR A 119 2.89 24.55 -0.49
N GLU A 120 3.89 24.27 0.32
CA GLU A 120 5.25 24.11 -0.19
C GLU A 120 5.70 22.65 -0.09
N GLU A 121 6.92 22.41 -0.58
CA GLU A 121 7.47 21.06 -0.66
C GLU A 121 7.59 20.42 0.72
N HIS A 122 8.07 21.18 1.71
CA HIS A 122 8.24 20.59 3.03
C HIS A 122 6.91 20.20 3.68
N HIS A 123 5.81 20.91 3.36
CA HIS A 123 4.51 20.49 3.86
C HIS A 123 4.16 19.09 3.35
N LEU A 124 4.29 18.89 2.04
CA LEU A 124 4.00 17.60 1.44
C LEU A 124 4.96 16.54 1.94
N ARG A 125 6.25 16.89 2.05
CA ARG A 125 7.25 15.90 2.48
C ARG A 125 7.00 15.48 3.92
N ASP A 126 6.79 16.46 4.81
CA ASP A 126 6.59 16.16 6.23
C ASP A 126 5.38 15.28 6.45
N TYR A 127 4.34 15.48 5.64
CA TYR A 127 3.15 14.64 5.78
C TYR A 127 3.35 13.27 5.14
N PHE A 128 3.77 13.24 3.87
CA PHE A 128 3.74 11.99 3.12
C PHE A 128 4.92 11.07 3.42
N GLU A 129 5.99 11.57 4.05
CA GLU A 129 7.14 10.72 4.35
C GLU A 129 6.83 9.69 5.43
N GLN A 130 5.74 9.88 6.18
CA GLN A 130 5.30 8.88 7.13
C GLN A 130 4.48 7.76 6.51
N TYR A 131 4.20 7.86 5.20
CA TYR A 131 3.60 6.78 4.45
C TYR A 131 4.62 5.93 3.72
N GLY A 132 5.79 6.49 3.41
CA GLY A 132 6.83 5.73 2.76
C GLY A 132 7.93 6.66 2.30
N LYS A 133 8.96 6.06 1.71
CA LYS A 133 10.13 6.81 1.28
C LYS A 133 9.81 7.59 0.01
N ILE A 134 9.95 8.91 0.06
CA ILE A 134 9.64 9.76 -1.07
C ILE A 134 10.86 9.89 -1.98
N GLU A 135 10.66 9.73 -3.27
CA GLU A 135 11.69 9.96 -4.28
C GLU A 135 11.52 11.24 -5.08
N VAL A 136 10.30 11.66 -5.36
CA VAL A 136 10.04 12.89 -6.11
C VAL A 136 8.83 13.61 -5.51
N ILE A 137 8.95 14.92 -5.35
CA ILE A 137 7.80 15.77 -5.09
C ILE A 137 7.76 16.79 -6.20
N GLU A 138 6.62 16.91 -6.87
CA GLU A 138 6.47 17.82 -8.00
C GLU A 138 5.27 18.73 -7.76
N ILE A 139 5.54 19.97 -7.33
CA ILE A 139 4.49 20.96 -7.16
C ILE A 139 4.24 21.63 -8.49
N MET A 140 2.99 21.57 -8.97
CA MET A 140 2.70 21.98 -10.34
C MET A 140 2.51 23.48 -10.43
N THR A 141 3.05 24.05 -11.49
CA THR A 141 3.00 25.48 -11.72
C THR A 141 2.50 25.74 -13.13
N ASP A 142 1.99 26.95 -13.32
CA ASP A 142 1.44 27.30 -14.63
C ASP A 142 2.57 27.48 -15.64
N ARG A 143 2.39 26.86 -16.81
CA ARG A 143 3.43 26.83 -17.83
C ARG A 143 3.75 28.24 -18.34
N GLY A 144 2.77 29.13 -18.31
CA GLY A 144 2.96 30.49 -18.78
C GLY A 144 3.38 31.48 -17.70
N SER A 145 2.76 31.40 -16.52
CA SER A 145 2.99 32.41 -15.48
C SER A 145 3.94 31.96 -14.39
N GLY A 146 4.10 30.65 -14.18
CA GLY A 146 4.85 30.15 -13.06
C GLY A 146 4.08 30.10 -11.76
N LYS A 147 2.84 30.57 -11.73
CA LYS A 147 2.06 30.53 -10.51
C LYS A 147 1.68 29.09 -10.18
N LYS A 148 1.62 28.79 -8.89
CA LYS A 148 1.28 27.44 -8.48
C LYS A 148 -0.18 27.14 -8.84
N ARG A 149 -0.43 25.92 -9.30
CA ARG A 149 -1.75 25.56 -9.79
C ARG A 149 -2.60 24.87 -8.74
N GLY A 150 -2.06 24.59 -7.57
CA GLY A 150 -2.86 24.02 -6.51
C GLY A 150 -2.91 22.51 -6.51
N PHE A 151 -1.97 21.84 -7.16
CA PHE A 151 -1.87 20.40 -7.03
C PHE A 151 -0.42 19.97 -7.23
N ALA A 152 -0.14 18.73 -6.85
CA ALA A 152 1.23 18.22 -6.86
C ALA A 152 1.21 16.72 -7.13
N PHE A 153 2.38 16.18 -7.45
CA PHE A 153 2.56 14.73 -7.55
C PHE A 153 3.66 14.29 -6.58
N VAL A 154 3.43 13.19 -5.90
CA VAL A 154 4.45 12.60 -5.04
C VAL A 154 4.73 11.20 -5.53
N THR A 155 5.99 10.88 -5.72
CA THR A 155 6.43 9.54 -6.15
C THR A 155 7.17 8.89 -5.00
N PHE A 156 6.79 7.65 -4.65
CA PHE A 156 7.41 6.90 -3.57
C PHE A 156 8.26 5.79 -4.15
N ASP A 157 9.10 5.19 -3.30
CA ASP A 157 9.91 4.08 -3.78
C ASP A 157 9.17 2.75 -3.81
N ASP A 158 7.89 2.73 -3.43
CA ASP A 158 7.21 1.46 -3.28
C ASP A 158 5.70 1.70 -3.25
N HIS A 159 4.96 0.70 -3.73
CA HIS A 159 3.53 0.88 -3.95
C HIS A 159 2.72 0.89 -2.66
N ASP A 160 3.23 0.29 -1.58
CA ASP A 160 2.36 0.16 -0.41
C ASP A 160 2.07 1.52 0.21
N SER A 161 2.99 2.47 0.04
N SER A 161 2.97 2.48 0.02
CA SER A 161 2.73 3.83 0.49
CA SER A 161 2.72 3.84 0.50
C SER A 161 1.45 4.38 -0.15
C SER A 161 1.46 4.41 -0.16
N VAL A 162 1.38 4.31 -1.49
CA VAL A 162 0.20 4.79 -2.21
C VAL A 162 -1.05 4.03 -1.75
N ASP A 163 -0.92 2.71 -1.57
CA ASP A 163 -2.07 1.91 -1.18
C ASP A 163 -2.61 2.35 0.17
N LYS A 164 -1.72 2.62 1.13
CA LYS A 164 -2.15 3.15 2.42
C LYS A 164 -2.79 4.52 2.26
N ILE A 165 -2.21 5.36 1.41
CA ILE A 165 -2.68 6.73 1.26
C ILE A 165 -4.10 6.76 0.72
N VAL A 166 -4.36 6.00 -0.35
CA VAL A 166 -5.61 6.20 -1.08
C VAL A 166 -6.82 5.57 -0.40
N ILE A 167 -6.61 4.74 0.62
CA ILE A 167 -7.78 4.20 1.32
C ILE A 167 -8.19 5.07 2.50
N GLN A 168 -7.39 6.08 2.87
CA GLN A 168 -7.84 7.03 3.88
C GLN A 168 -9.02 7.85 3.37
N LYS A 169 -9.93 8.18 4.28
CA LYS A 169 -11.03 9.06 3.89
C LYS A 169 -10.57 10.50 3.73
N TYR A 170 -9.58 10.92 4.51
CA TYR A 170 -9.19 12.32 4.58
C TYR A 170 -7.70 12.47 4.47
N HIS A 171 -7.27 13.59 3.90
CA HIS A 171 -5.88 14.03 3.94
C HIS A 171 -5.87 15.52 4.19
N THR A 172 -5.21 15.91 5.27
CA THR A 172 -5.10 17.31 5.68
C THR A 172 -3.63 17.67 5.63
N VAL A 173 -3.28 18.62 4.76
CA VAL A 173 -1.92 19.08 4.58
C VAL A 173 -1.92 20.60 4.58
N ASN A 174 -1.12 21.19 5.45
CA ASN A 174 -1.01 22.65 5.51
C ASN A 174 -2.40 23.28 5.69
N GLY A 175 -3.21 22.67 6.56
CA GLY A 175 -4.57 23.12 6.82
C GLY A 175 -5.58 22.85 5.72
N HIS A 176 -5.17 22.37 4.54
CA HIS A 176 -6.09 22.08 3.47
C HIS A 176 -6.56 20.63 3.54
N ASN A 177 -7.85 20.43 3.24
CA ASN A 177 -8.36 19.10 2.97
C ASN A 177 -8.08 18.76 1.51
N CYS A 178 -7.21 17.79 1.28
CA CYS A 178 -6.74 17.48 -0.06
C CYS A 178 -7.45 16.27 -0.63
N GLU A 179 -7.54 16.23 -1.95
CA GLU A 179 -8.01 15.04 -2.67
C GLU A 179 -6.79 14.32 -3.20
N VAL A 180 -6.70 13.03 -2.95
CA VAL A 180 -5.52 12.27 -3.29
C VAL A 180 -5.96 11.02 -4.04
N ARG A 181 -5.31 10.76 -5.18
CA ARG A 181 -5.67 9.60 -5.97
C ARG A 181 -4.39 9.04 -6.61
N LYS A 182 -4.48 7.79 -7.05
CA LYS A 182 -3.37 7.18 -7.76
C LYS A 182 -3.12 7.91 -9.08
N ALA A 183 -1.86 8.07 -9.45
CA ALA A 183 -1.47 8.74 -10.67
C ALA A 183 -0.65 7.79 -11.54
N LEU A 184 -1.00 7.72 -12.82
CA LEU A 184 -0.19 7.01 -13.80
C LEU A 184 0.42 7.98 -14.81
#